data_2JQ1
#
_entry.id   2JQ1
#
_cell.length_a   1.000
_cell.length_b   1.000
_cell.length_c   1.000
_cell.angle_alpha   90.00
_cell.angle_beta   90.00
_cell.angle_gamma   90.00
#
_symmetry.space_group_name_H-M   'P 1'
#
_entity_poly.entity_id   1
_entity_poly.type   'polypeptide(L)'
_entity_poly.pdbx_seq_one_letter_code
;FLSLIPHAINAVSALANHG(NH2)
;
_entity_poly.pdbx_strand_id   A
#
# COMPACT_ATOMS: atom_id res chain seq x y z
N PHE A 1 0.69 18.20 -6.74
CA PHE A 1 0.69 18.45 -5.28
C PHE A 1 0.16 17.23 -4.53
N LEU A 2 -1.11 16.95 -4.66
CA LEU A 2 -1.70 15.77 -3.95
C LEU A 2 -1.30 14.48 -4.68
N SER A 3 -0.61 13.60 -4.02
CA SER A 3 -0.19 12.33 -4.67
C SER A 3 -0.74 11.13 -3.89
N LEU A 4 -0.91 10.01 -4.55
CA LEU A 4 -1.44 8.80 -3.86
C LEU A 4 -0.71 7.54 -4.33
N ILE A 5 0.43 7.71 -4.93
CA ILE A 5 1.20 6.52 -5.43
C ILE A 5 1.83 5.75 -4.25
N PRO A 6 2.52 6.46 -3.38
CA PRO A 6 3.17 5.79 -2.23
C PRO A 6 2.13 5.30 -1.21
N HIS A 7 0.98 5.92 -1.18
CA HIS A 7 -0.07 5.50 -0.22
C HIS A 7 -0.73 4.20 -0.69
N ALA A 8 -0.69 3.92 -1.97
CA ALA A 8 -1.33 2.67 -2.48
C ALA A 8 -0.38 1.48 -2.27
N ILE A 9 0.90 1.69 -2.42
CA ILE A 9 1.87 0.57 -2.22
C ILE A 9 1.96 0.19 -0.73
N ASN A 10 1.40 0.99 0.13
CA ASN A 10 1.47 0.67 1.59
C ASN A 10 0.36 -0.32 1.95
N ALA A 11 -0.79 -0.18 1.35
CA ALA A 11 -1.93 -1.08 1.66
C ALA A 11 -1.79 -2.40 0.89
N VAL A 12 -1.01 -2.41 -0.16
CA VAL A 12 -0.85 -3.66 -0.96
C VAL A 12 0.24 -4.54 -0.35
N SER A 13 1.31 -3.94 0.05
CA SER A 13 2.43 -4.72 0.64
C SER A 13 2.00 -5.37 1.96
N ALA A 14 0.91 -4.93 2.52
CA ALA A 14 0.43 -5.53 3.81
C ALA A 14 -0.42 -6.76 3.54
N LEU A 15 -1.31 -6.69 2.59
CA LEU A 15 -2.17 -7.87 2.29
C LEU A 15 -1.33 -9.12 2.00
N ALA A 16 -0.10 -8.93 1.61
CA ALA A 16 0.78 -10.10 1.31
C ALA A 16 0.85 -11.05 2.52
N ASN A 17 0.78 -10.51 3.71
CA ASN A 17 0.84 -11.37 4.92
C ASN A 17 -0.53 -12.02 5.17
N HIS A 18 -1.58 -11.38 4.76
CA HIS A 18 -2.94 -11.94 4.97
C HIS A 18 -3.54 -12.39 3.64
N GLY A 19 -3.40 -13.65 3.30
CA GLY A 19 -3.97 -14.14 2.01
C GLY A 19 -5.37 -14.69 2.24
N PHE A 1 -1.56 16.62 -5.12
CA PHE A 1 -1.20 15.81 -6.32
C PHE A 1 0.15 15.11 -6.11
N LEU A 2 0.41 14.06 -6.84
CA LEU A 2 1.70 13.33 -6.69
C LEU A 2 1.95 12.97 -5.21
N SER A 3 0.91 12.65 -4.50
CA SER A 3 1.08 12.29 -3.06
C SER A 3 0.23 11.06 -2.72
N LEU A 4 0.00 10.19 -3.68
CA LEU A 4 -0.81 8.98 -3.41
C LEU A 4 -0.08 7.72 -3.90
N ILE A 5 1.14 7.86 -4.35
CA ILE A 5 1.90 6.67 -4.83
C ILE A 5 2.30 5.76 -3.65
N PRO A 6 2.89 6.34 -2.63
CA PRO A 6 3.31 5.54 -1.45
C PRO A 6 2.09 5.05 -0.66
N HIS A 7 0.99 5.74 -0.77
CA HIS A 7 -0.24 5.31 -0.03
C HIS A 7 -1.02 4.26 -0.84
N ALA A 8 -0.56 3.94 -2.02
CA ALA A 8 -1.28 2.92 -2.85
C ALA A 8 -0.64 1.55 -2.68
N ILE A 9 0.63 1.44 -2.96
CA ILE A 9 1.32 0.13 -2.81
C ILE A 9 1.40 -0.28 -1.34
N ASN A 10 1.15 0.63 -0.43
CA ASN A 10 1.21 0.29 1.01
C ASN A 10 -0.01 -0.55 1.40
N ALA A 11 -1.14 -0.25 0.84
CA ALA A 11 -2.37 -1.03 1.18
C ALA A 11 -2.25 -2.47 0.68
N VAL A 12 -1.50 -2.68 -0.37
CA VAL A 12 -1.34 -4.05 -0.92
C VAL A 12 -0.06 -4.70 -0.38
N SER A 13 0.99 -3.95 -0.34
CA SER A 13 2.28 -4.51 0.16
C SER A 13 2.16 -4.92 1.64
N ALA A 14 1.14 -4.46 2.30
CA ALA A 14 0.98 -4.82 3.75
C ALA A 14 0.25 -6.16 3.88
N LEU A 15 -0.80 -6.36 3.12
CA LEU A 15 -1.56 -7.64 3.22
C LEU A 15 -0.62 -8.84 3.00
N ALA A 16 0.49 -8.63 2.35
CA ALA A 16 1.44 -9.76 2.09
C ALA A 16 1.75 -10.50 3.40
N ASN A 17 1.65 -9.83 4.51
CA ASN A 17 1.94 -10.49 5.82
C ASN A 17 0.63 -10.86 6.51
N HIS A 18 -0.37 -10.02 6.41
CA HIS A 18 -1.68 -10.33 7.07
C HIS A 18 -2.72 -10.69 6.01
N GLY A 19 -2.93 -11.95 5.78
CA GLY A 19 -3.93 -12.37 4.77
C GLY A 19 -4.25 -13.86 4.93
N PHE A 1 -7.35 11.00 3.10
CA PHE A 1 -6.61 12.29 3.01
C PHE A 1 -5.12 12.07 3.26
N LEU A 2 -4.53 11.16 2.54
CA LEU A 2 -3.07 10.90 2.72
C LEU A 2 -2.37 10.81 1.37
N SER A 3 -1.15 10.33 1.34
CA SER A 3 -0.42 10.22 0.05
C SER A 3 -1.21 9.37 -0.95
N LEU A 4 -0.67 9.15 -2.12
CA LEU A 4 -1.40 8.33 -3.13
C LEU A 4 -0.46 7.30 -3.76
N ILE A 5 0.66 7.74 -4.26
CA ILE A 5 1.62 6.78 -4.89
C ILE A 5 2.17 5.81 -3.83
N PRO A 6 2.74 6.34 -2.78
CA PRO A 6 3.30 5.47 -1.71
C PRO A 6 2.18 4.79 -0.93
N HIS A 7 1.05 5.45 -0.79
CA HIS A 7 -0.09 4.84 -0.03
C HIS A 7 -0.71 3.71 -0.86
N ALA A 8 -0.75 3.85 -2.15
CA ALA A 8 -1.35 2.79 -3.01
C ALA A 8 -0.57 1.48 -2.85
N ILE A 9 0.73 1.56 -2.72
CA ILE A 9 1.54 0.33 -2.56
C ILE A 9 1.60 -0.09 -1.08
N ASN A 10 1.28 0.81 -0.19
CA ASN A 10 1.31 0.45 1.26
C ASN A 10 0.10 -0.40 1.62
N ALA A 11 -1.03 -0.11 1.04
CA ALA A 11 -2.26 -0.90 1.34
C ALA A 11 -2.16 -2.30 0.73
N VAL A 12 -1.37 -2.45 -0.29
CA VAL A 12 -1.22 -3.80 -0.93
C VAL A 12 0.01 -4.51 -0.38
N SER A 13 1.07 -3.80 -0.23
CA SER A 13 2.33 -4.42 0.30
C SER A 13 2.11 -4.93 1.72
N ALA A 14 1.07 -4.50 2.37
CA ALA A 14 0.81 -4.95 3.77
C ALA A 14 0.05 -6.29 3.76
N LEU A 15 -0.96 -6.41 2.94
CA LEU A 15 -1.74 -7.67 2.89
C LEU A 15 -0.82 -8.86 2.61
N ALA A 16 0.32 -8.63 2.01
CA ALA A 16 1.26 -9.75 1.71
C ALA A 16 1.61 -10.51 2.99
N ASN A 17 1.58 -9.84 4.12
CA ASN A 17 1.91 -10.53 5.40
C ASN A 17 0.92 -11.66 5.67
N HIS A 18 -0.28 -11.54 5.15
CA HIS A 18 -1.29 -12.61 5.37
C HIS A 18 -1.07 -13.78 4.40
N GLY A 19 -0.80 -14.94 4.91
CA GLY A 19 -0.57 -16.12 4.01
C GLY A 19 -1.38 -17.31 4.51
N PHE A 1 -3.53 12.10 -8.49
CA PHE A 1 -2.31 11.29 -8.75
C PHE A 1 -1.07 12.18 -8.78
N LEU A 2 -1.03 13.17 -7.94
CA LEU A 2 0.16 14.08 -7.91
C LEU A 2 1.29 13.46 -7.10
N SER A 3 0.99 12.87 -5.97
CA SER A 3 2.05 12.24 -5.15
C SER A 3 1.43 11.23 -4.18
N LEU A 4 0.54 10.40 -4.65
CA LEU A 4 -0.09 9.38 -3.77
C LEU A 4 0.26 7.97 -4.23
N ILE A 5 1.43 7.79 -4.79
CA ILE A 5 1.84 6.45 -5.28
C ILE A 5 2.13 5.50 -4.10
N PRO A 6 2.93 5.95 -3.16
CA PRO A 6 3.27 5.09 -1.99
C PRO A 6 2.04 4.88 -1.10
N HIS A 7 1.12 5.80 -1.11
CA HIS A 7 -0.09 5.66 -0.26
C HIS A 7 -0.93 4.45 -0.71
N ALA A 8 -0.78 4.05 -1.95
CA ALA A 8 -1.55 2.88 -2.45
C ALA A 8 -0.73 1.60 -2.33
N ILE A 9 0.56 1.70 -2.38
CA ILE A 9 1.43 0.49 -2.26
C ILE A 9 1.44 0.00 -0.81
N ASN A 10 1.20 0.87 0.13
CA ASN A 10 1.20 0.45 1.55
C ASN A 10 -0.02 -0.42 1.85
N ALA A 11 -1.14 -0.12 1.24
CA ALA A 11 -2.37 -0.92 1.48
C ALA A 11 -2.24 -2.31 0.85
N VAL A 12 -1.47 -2.42 -0.19
CA VAL A 12 -1.30 -3.75 -0.86
C VAL A 12 -0.06 -4.45 -0.35
N SER A 13 1.01 -3.73 -0.21
CA SER A 13 2.28 -4.34 0.27
C SER A 13 2.08 -4.97 1.65
N ALA A 14 1.05 -4.60 2.35
CA ALA A 14 0.80 -5.18 3.70
C ALA A 14 0.18 -6.58 3.58
N LEU A 15 -0.78 -6.75 2.71
CA LEU A 15 -1.43 -8.08 2.55
C LEU A 15 -0.37 -9.15 2.22
N ALA A 16 0.71 -8.75 1.60
CA ALA A 16 1.78 -9.73 1.25
C ALA A 16 2.41 -10.31 2.52
N ASN A 17 2.36 -9.58 3.59
CA ASN A 17 2.97 -10.09 4.87
C ASN A 17 2.32 -11.42 5.28
N HIS A 18 1.08 -11.62 4.92
CA HIS A 18 0.40 -12.89 5.28
C HIS A 18 1.02 -14.07 4.53
N GLY A 19 1.81 -14.86 5.20
CA GLY A 19 2.46 -16.02 4.52
C GLY A 19 2.65 -17.16 5.52
N PHE A 1 -6.28 11.21 1.79
CA PHE A 1 -6.17 12.10 2.98
C PHE A 1 -4.79 12.75 3.01
N LEU A 2 -3.79 12.11 2.46
CA LEU A 2 -2.42 12.69 2.48
C LEU A 2 -1.74 12.43 1.13
N SER A 3 -1.51 11.19 0.80
CA SER A 3 -0.83 10.86 -0.50
C SER A 3 -1.68 9.87 -1.29
N LEU A 4 -1.15 9.37 -2.38
CA LEU A 4 -1.93 8.40 -3.20
C LEU A 4 -0.98 7.36 -3.82
N ILE A 5 0.10 7.81 -4.40
CA ILE A 5 1.06 6.85 -5.03
C ILE A 5 1.72 5.97 -3.95
N PRO A 6 2.29 6.60 -2.94
CA PRO A 6 2.95 5.83 -1.86
C PRO A 6 1.92 5.07 -1.01
N HIS A 7 0.70 5.54 -0.99
CA HIS A 7 -0.35 4.85 -0.18
C HIS A 7 -0.83 3.59 -0.91
N ALA A 8 -0.74 3.56 -2.21
CA ALA A 8 -1.18 2.36 -2.97
C ALA A 8 -0.20 1.21 -2.75
N ILE A 9 1.07 1.49 -2.73
CA ILE A 9 2.07 0.40 -2.52
C ILE A 9 2.25 0.12 -1.02
N ASN A 10 1.75 0.99 -0.18
CA ASN A 10 1.89 0.76 1.29
C ASN A 10 0.76 -0.15 1.78
N ALA A 11 -0.42 0.00 1.22
CA ALA A 11 -1.56 -0.84 1.65
C ALA A 11 -1.53 -2.19 0.92
N VAL A 12 -0.86 -2.27 -0.20
CA VAL A 12 -0.81 -3.56 -0.95
C VAL A 12 0.21 -4.50 -0.32
N SER A 13 1.34 -3.97 0.06
CA SER A 13 2.40 -4.81 0.67
C SER A 13 1.92 -5.39 2.02
N ALA A 14 0.85 -4.86 2.55
CA ALA A 14 0.35 -5.37 3.86
C ALA A 14 -0.63 -6.54 3.65
N LEU A 15 -1.51 -6.42 2.69
CA LEU A 15 -2.48 -7.52 2.44
C LEU A 15 -1.76 -8.86 2.21
N ALA A 16 -0.53 -8.81 1.79
CA ALA A 16 0.24 -10.07 1.55
C ALA A 16 0.24 -10.94 2.81
N ASN A 17 0.11 -10.33 3.96
CA ASN A 17 0.09 -11.12 5.23
C ASN A 17 -1.17 -11.96 5.31
N HIS A 18 -2.26 -11.49 4.77
CA HIS A 18 -3.53 -12.27 4.81
C HIS A 18 -3.66 -13.14 3.56
N GLY A 19 -3.24 -14.38 3.66
CA GLY A 19 -3.34 -15.29 2.48
C GLY A 19 -1.95 -15.54 1.91
N PHE A 1 0.60 17.26 -9.19
CA PHE A 1 1.50 16.48 -8.31
C PHE A 1 0.84 16.23 -6.95
N LEU A 2 0.58 15.00 -6.63
CA LEU A 2 -0.07 14.70 -5.31
C LEU A 2 0.48 13.38 -4.75
N SER A 3 0.23 13.12 -3.49
CA SER A 3 0.73 11.85 -2.89
C SER A 3 -0.35 10.76 -2.99
N LEU A 4 -0.23 9.88 -3.96
CA LEU A 4 -1.24 8.80 -4.13
C LEU A 4 -0.55 7.48 -4.47
N ILE A 5 0.43 7.52 -5.33
CA ILE A 5 1.15 6.26 -5.71
C ILE A 5 1.74 5.58 -4.46
N PRO A 6 2.48 6.32 -3.67
CA PRO A 6 3.09 5.75 -2.45
C PRO A 6 2.01 5.42 -1.40
N HIS A 7 0.90 6.11 -1.45
CA HIS A 7 -0.18 5.84 -0.46
C HIS A 7 -0.83 4.48 -0.73
N ALA A 8 -0.79 4.04 -1.96
CA ALA A 8 -1.41 2.72 -2.30
C ALA A 8 -0.39 1.59 -2.10
N ILE A 9 0.88 1.90 -2.15
CA ILE A 9 1.91 0.84 -1.96
C ILE A 9 2.08 0.50 -0.48
N ASN A 10 1.38 1.17 0.39
CA ASN A 10 1.50 0.87 1.84
C ASN A 10 0.55 -0.27 2.22
N ALA A 11 -0.66 -0.23 1.74
CA ALA A 11 -1.64 -1.30 2.08
C ALA A 11 -1.48 -2.50 1.13
N VAL A 12 -0.75 -2.33 0.07
CA VAL A 12 -0.57 -3.48 -0.90
C VAL A 12 0.42 -4.48 -0.34
N SER A 13 1.50 -4.00 0.22
CA SER A 13 2.52 -4.91 0.77
C SER A 13 2.00 -5.65 2.00
N ALA A 14 0.87 -5.24 2.53
CA ALA A 14 0.31 -5.93 3.73
C ALA A 14 -0.66 -7.04 3.31
N LEU A 15 -1.46 -6.80 2.31
CA LEU A 15 -2.43 -7.84 1.86
C LEU A 15 -1.72 -9.15 1.52
N ALA A 16 -0.46 -9.07 1.16
CA ALA A 16 0.29 -10.31 0.80
C ALA A 16 0.26 -11.30 1.98
N ASN A 17 0.15 -10.81 3.18
CA ASN A 17 0.11 -11.72 4.36
C ASN A 17 -1.22 -12.47 4.41
N HIS A 18 -2.25 -11.92 3.81
CA HIS A 18 -3.57 -12.60 3.84
C HIS A 18 -3.47 -14.00 3.22
N GLY A 19 -4.07 -14.98 3.84
CA GLY A 19 -4.00 -16.37 3.31
C GLY A 19 -2.85 -17.12 3.97
N PHE A 1 1.13 18.65 -1.86
CA PHE A 1 0.29 17.93 -2.87
C PHE A 1 1.09 16.78 -3.49
N LEU A 2 1.32 15.73 -2.75
CA LEU A 2 2.08 14.58 -3.29
C LEU A 2 2.00 13.40 -2.32
N SER A 3 0.95 12.62 -2.41
CA SER A 3 0.82 11.45 -1.49
C SER A 3 -0.29 10.51 -1.99
N LEU A 4 -0.03 9.78 -3.05
CA LEU A 4 -1.07 8.85 -3.58
C LEU A 4 -0.41 7.56 -4.09
N ILE A 5 0.67 7.69 -4.82
CA ILE A 5 1.37 6.49 -5.35
C ILE A 5 2.04 5.70 -4.21
N PRO A 6 2.81 6.38 -3.40
CA PRO A 6 3.51 5.70 -2.27
C PRO A 6 2.50 5.28 -1.20
N HIS A 7 1.37 5.90 -1.15
CA HIS A 7 0.34 5.54 -0.12
C HIS A 7 -0.50 4.35 -0.62
N ALA A 8 -0.60 4.18 -1.91
CA ALA A 8 -1.40 3.04 -2.45
C ALA A 8 -0.62 1.72 -2.31
N ILE A 9 0.68 1.78 -2.34
CA ILE A 9 1.49 0.53 -2.21
C ILE A 9 1.51 0.05 -0.75
N ASN A 10 0.97 0.83 0.15
CA ASN A 10 0.96 0.40 1.58
C ASN A 10 -0.17 -0.60 1.82
N ALA A 11 -1.32 -0.36 1.22
CA ALA A 11 -2.47 -1.28 1.42
C ALA A 11 -2.22 -2.61 0.71
N VAL A 12 -1.33 -2.63 -0.26
CA VAL A 12 -1.06 -3.90 -0.99
C VAL A 12 0.18 -4.58 -0.41
N SER A 13 1.17 -3.81 -0.09
CA SER A 13 2.42 -4.39 0.48
C SER A 13 2.15 -5.00 1.85
N ALA A 14 1.01 -4.73 2.44
CA ALA A 14 0.68 -5.29 3.78
C ALA A 14 -0.03 -6.64 3.65
N LEU A 15 -0.97 -6.74 2.73
CA LEU A 15 -1.71 -8.03 2.56
C LEU A 15 -0.73 -9.19 2.36
N ALA A 16 0.46 -8.91 1.88
CA ALA A 16 1.46 -9.99 1.66
C ALA A 16 1.67 -10.80 2.94
N ASN A 17 1.38 -10.24 4.08
CA ASN A 17 1.56 -10.98 5.36
C ASN A 17 0.24 -11.60 5.82
N HIS A 18 -0.67 -11.84 4.92
CA HIS A 18 -1.97 -12.43 5.30
C HIS A 18 -2.12 -13.83 4.67
N GLY A 19 -2.79 -14.72 5.36
CA GLY A 19 -2.97 -16.10 4.80
C GLY A 19 -4.02 -16.85 5.63
N PHE A 1 -4.20 17.66 -0.70
CA PHE A 1 -4.45 16.21 -0.45
C PHE A 1 -3.11 15.44 -0.47
N LEU A 2 -2.95 14.51 0.43
CA LEU A 2 -1.68 13.73 0.47
C LEU A 2 -1.51 12.93 -0.83
N SER A 3 -0.33 12.41 -1.06
CA SER A 3 -0.10 11.63 -2.33
C SER A 3 -0.83 10.28 -2.24
N LEU A 4 -1.25 9.75 -3.36
CA LEU A 4 -1.96 8.45 -3.35
C LEU A 4 -1.05 7.33 -3.91
N ILE A 5 -0.09 7.69 -4.72
CA ILE A 5 0.82 6.67 -5.30
C ILE A 5 1.54 5.89 -4.18
N PRO A 6 2.14 6.61 -3.26
CA PRO A 6 2.86 5.93 -2.15
C PRO A 6 1.87 5.27 -1.19
N HIS A 7 0.67 5.79 -1.10
CA HIS A 7 -0.35 5.18 -0.18
C HIS A 7 -0.83 3.84 -0.75
N ALA A 8 -1.03 3.77 -2.04
CA ALA A 8 -1.51 2.50 -2.65
C ALA A 8 -0.41 1.43 -2.57
N ILE A 9 0.83 1.83 -2.69
CA ILE A 9 1.95 0.84 -2.62
C ILE A 9 2.35 0.58 -1.17
N ASN A 10 1.73 1.25 -0.23
CA ASN A 10 2.07 1.02 1.20
C ASN A 10 1.23 -0.13 1.76
N ALA A 11 -0.04 -0.14 1.43
CA ALA A 11 -0.93 -1.21 1.94
C ALA A 11 -0.78 -2.49 1.09
N VAL A 12 -0.15 -2.39 -0.05
CA VAL A 12 0.02 -3.60 -0.92
C VAL A 12 0.76 -4.69 -0.17
N SER A 13 1.78 -4.32 0.55
CA SER A 13 2.57 -5.33 1.30
C SER A 13 1.76 -5.86 2.50
N ALA A 14 0.64 -5.25 2.79
CA ALA A 14 -0.18 -5.73 3.94
C ALA A 14 -1.28 -6.69 3.47
N LEU A 15 -1.87 -6.41 2.33
CA LEU A 15 -2.95 -7.31 1.81
C LEU A 15 -2.45 -8.75 1.70
N ALA A 16 -1.17 -8.93 1.52
CA ALA A 16 -0.61 -10.31 1.39
C ALA A 16 -0.91 -11.12 2.66
N ASN A 17 -0.99 -10.46 3.79
CA ASN A 17 -1.29 -11.19 5.05
C ASN A 17 -2.68 -11.83 4.99
N HIS A 18 -3.56 -11.30 4.18
CA HIS A 18 -4.92 -11.87 4.08
C HIS A 18 -4.86 -13.34 3.65
N GLY A 19 -5.49 -14.21 4.38
CA GLY A 19 -5.47 -15.66 4.02
C GLY A 19 -6.69 -15.99 3.16
N PHE A 1 7.95 10.96 1.02
CA PHE A 1 7.99 12.26 0.30
C PHE A 1 6.65 12.50 -0.41
N LEU A 2 5.98 11.46 -0.81
CA LEU A 2 4.67 11.64 -1.50
C LEU A 2 3.52 11.34 -0.55
N SER A 3 2.30 11.53 -0.98
CA SER A 3 1.13 11.25 -0.09
C SER A 3 0.03 10.54 -0.88
N LEU A 4 0.40 9.79 -1.89
CA LEU A 4 -0.64 9.08 -2.70
C LEU A 4 -0.01 7.90 -3.45
N ILE A 5 1.17 8.10 -4.01
CA ILE A 5 1.83 6.99 -4.76
C ILE A 5 2.27 5.88 -3.78
N PRO A 6 3.02 6.24 -2.76
CA PRO A 6 3.49 5.23 -1.78
C PRO A 6 2.33 4.71 -0.93
N HIS A 7 1.29 5.50 -0.79
CA HIS A 7 0.12 5.05 0.03
C HIS A 7 -0.68 3.98 -0.72
N ALA A 8 -0.67 4.04 -2.03
CA ALA A 8 -1.42 3.02 -2.82
C ALA A 8 -0.78 1.64 -2.66
N ILE A 9 0.50 1.55 -2.85
CA ILE A 9 1.19 0.22 -2.71
C ILE A 9 1.18 -0.23 -1.24
N ASN A 10 0.97 0.69 -0.34
CA ASN A 10 0.96 0.31 1.11
C ASN A 10 -0.26 -0.56 1.41
N ALA A 11 -1.35 -0.32 0.75
CA ALA A 11 -2.58 -1.13 0.99
C ALA A 11 -2.36 -2.58 0.56
N VAL A 12 -1.58 -2.78 -0.45
CA VAL A 12 -1.32 -4.18 -0.94
C VAL A 12 -0.02 -4.70 -0.35
N SER A 13 0.98 -3.87 -0.32
CA SER A 13 2.30 -4.32 0.24
C SER A 13 2.15 -4.71 1.71
N ALA A 14 1.09 -4.31 2.35
CA ALA A 14 0.90 -4.66 3.78
C ALA A 14 0.30 -6.07 3.92
N LEU A 15 -0.68 -6.39 3.12
CA LEU A 15 -1.30 -7.74 3.20
C LEU A 15 -0.26 -8.84 2.97
N ALA A 16 0.86 -8.50 2.38
CA ALA A 16 1.92 -9.52 2.13
C ALA A 16 2.26 -10.28 3.42
N ASN A 17 2.14 -9.61 4.55
CA ASN A 17 2.47 -10.29 5.84
C ASN A 17 1.28 -11.15 6.28
N HIS A 18 0.09 -10.80 5.89
CA HIS A 18 -1.11 -11.59 6.29
C HIS A 18 -1.37 -12.70 5.26
N GLY A 19 -1.88 -13.81 5.69
CA GLY A 19 -2.17 -14.93 4.75
C GLY A 19 -3.65 -15.30 4.82
N PHE A 1 1.21 18.99 -7.64
CA PHE A 1 0.74 19.38 -6.28
C PHE A 1 0.94 18.21 -5.30
N LEU A 2 0.21 17.14 -5.51
CA LEU A 2 0.35 15.97 -4.59
C LEU A 2 0.13 14.67 -5.36
N SER A 3 0.08 13.56 -4.68
CA SER A 3 -0.13 12.25 -5.38
C SER A 3 -0.47 11.16 -4.36
N LEU A 4 -0.85 10.00 -4.84
CA LEU A 4 -1.20 8.89 -3.90
C LEU A 4 -0.59 7.57 -4.37
N ILE A 5 0.48 7.64 -5.14
CA ILE A 5 1.13 6.40 -5.63
C ILE A 5 1.82 5.64 -4.47
N PRO A 6 2.64 6.34 -3.71
CA PRO A 6 3.35 5.70 -2.58
C PRO A 6 2.36 5.34 -1.46
N HIS A 7 1.28 6.05 -1.36
CA HIS A 7 0.28 5.74 -0.29
C HIS A 7 -0.49 4.47 -0.64
N ALA A 8 -0.58 4.15 -1.90
CA ALA A 8 -1.34 2.93 -2.30
C ALA A 8 -0.46 1.68 -2.12
N ILE A 9 0.83 1.84 -2.15
CA ILE A 9 1.73 0.66 -1.97
C ILE A 9 1.78 0.23 -0.50
N ASN A 10 1.18 0.99 0.39
CA ASN A 10 1.18 0.62 1.83
C ASN A 10 0.07 -0.40 2.10
N ALA A 11 -1.08 -0.21 1.51
CA ALA A 11 -2.20 -1.16 1.74
C ALA A 11 -1.99 -2.45 0.95
N VAL A 12 -1.17 -2.42 -0.07
CA VAL A 12 -0.93 -3.65 -0.88
C VAL A 12 0.21 -4.46 -0.27
N SER A 13 1.24 -3.80 0.15
CA SER A 13 2.40 -4.52 0.73
C SER A 13 1.99 -5.29 1.99
N ALA A 14 0.85 -4.98 2.54
CA ALA A 14 0.39 -5.68 3.77
C ALA A 14 -0.31 -7.00 3.41
N LEU A 15 -1.15 -6.99 2.42
CA LEU A 15 -1.86 -8.24 2.03
C LEU A 15 -0.87 -9.36 1.73
N ALA A 16 0.34 -9.02 1.33
CA ALA A 16 1.35 -10.07 1.03
C ALA A 16 1.65 -10.89 2.29
N ASN A 17 1.76 -10.24 3.42
CA ASN A 17 2.05 -10.99 4.68
C ASN A 17 0.96 -12.03 4.95
N HIS A 18 -0.27 -11.70 4.65
CA HIS A 18 -1.38 -12.67 4.89
C HIS A 18 -1.53 -13.61 3.69
N GLY A 19 -1.44 -14.89 3.91
CA GLY A 19 -1.58 -15.86 2.79
C GLY A 19 -0.67 -17.07 3.02
#